data_4HVW
#
_entry.id   4HVW
#
_cell.length_a   37.442
_cell.length_b   37.442
_cell.length_c   85.624
_cell.angle_alpha   90.00
_cell.angle_beta   90.00
_cell.angle_gamma   120.00
#
_symmetry.space_group_name_H-M   'P 32 2 1'
#
loop_
_entity.id
_entity.type
_entity.pdbx_description
1 polymer 'Proto-oncogene tyrosine-protein kinase Src'
2 polymer 'SYNTHETIC PEPTIDE Acetyl-VSLARRPLPPLP'
3 non-polymer 'ACETYL GROUP'
4 non-polymer 'SULFATE ION'
5 water water
#
loop_
_entity_poly.entity_id
_entity_poly.type
_entity_poly.pdbx_seq_one_letter_code
_entity_poly.pdbx_strand_id
1 'polypeptide(L)' GSHMTFVALYDYESRTEEDLSFKKGERLQIVNNTEGDWWLAHSLTTGRTGYIPSNYVAPSD A
2 'polypeptide(L)' (ACE)VSLARRPLPPLP B
#
loop_
_chem_comp.id
_chem_comp.type
_chem_comp.name
_chem_comp.formula
ACE non-polymer 'ACETYL GROUP' 'C2 H4 O'
SO4 non-polymer 'SULFATE ION' 'O4 S -2'
#
# COMPACT_ATOMS: atom_id res chain seq x y z
N GLY A 1 -17.00 -5.01 3.75
CA GLY A 1 -15.80 -5.07 2.94
C GLY A 1 -15.04 -6.37 3.08
N SER A 2 -14.06 -6.57 2.21
CA SER A 2 -13.19 -7.74 2.25
C SER A 2 -12.35 -7.71 3.53
N HIS A 3 -11.96 -8.90 4.03
CA HIS A 3 -11.03 -9.02 5.16
C HIS A 3 -9.66 -9.52 4.74
N MET A 4 -9.43 -9.59 3.44
CA MET A 4 -8.16 -10.05 2.96
C MET A 4 -7.07 -9.11 3.41
N THR A 5 -5.86 -9.65 3.55
CA THR A 5 -4.74 -8.76 3.76
C THR A 5 -3.58 -9.10 2.82
N PHE A 6 -2.68 -8.14 2.66
CA PHE A 6 -1.51 -8.24 1.82
C PHE A 6 -0.29 -8.14 2.68
N VAL A 7 0.83 -8.67 2.19
CA VAL A 7 2.07 -8.62 2.91
C VAL A 7 3.12 -7.92 2.05
N ALA A 8 3.90 -7.06 2.69
CA ALA A 8 4.99 -6.38 1.99
C ALA A 8 6.13 -7.36 1.67
N LEU A 9 6.61 -7.27 0.43
CA LEU A 9 7.69 -8.13 -0.07
C LEU A 9 9.07 -7.53 0.14
N TYR A 10 9.13 -6.22 0.36
CA TYR A 10 10.33 -5.43 0.54
C TYR A 10 10.00 -4.28 1.48
N ASP A 11 11.04 -3.71 2.07
CA ASP A 11 10.92 -2.44 2.76
C ASP A 11 10.64 -1.34 1.73
N TYR A 12 9.93 -0.30 2.16
CA TYR A 12 9.68 0.86 1.32
C TYR A 12 9.67 2.12 2.17
N GLU A 13 10.42 3.12 1.72
CA GLU A 13 10.45 4.42 2.38
C GLU A 13 9.62 5.41 1.58
N SER A 14 8.61 5.95 2.24
CA SER A 14 7.75 6.94 1.63
C SER A 14 8.50 8.20 1.24
N ARG A 15 8.07 8.80 0.13
CA ARG A 15 8.64 10.06 -0.35
C ARG A 15 7.66 11.23 -0.23
N THR A 16 6.49 10.97 0.36
CA THR A 16 5.44 11.98 0.44
C THR A 16 4.46 11.60 1.54
N GLU A 17 3.78 12.59 2.12
CA GLU A 17 2.91 12.34 3.25
CA GLU A 17 2.92 12.34 3.26
C GLU A 17 1.76 11.39 2.91
N GLU A 18 1.37 11.37 1.65
CA GLU A 18 0.28 10.53 1.16
C GLU A 18 0.58 9.05 1.19
N ASP A 19 1.87 8.69 1.23
CA ASP A 19 2.32 7.31 1.03
C ASP A 19 2.83 6.73 2.35
N LEU A 20 2.49 5.47 2.62
N LEU A 20 2.54 5.46 2.56
CA LEU A 20 3.08 4.76 3.74
CA LEU A 20 2.87 4.75 3.77
C LEU A 20 4.52 4.39 3.50
C LEU A 20 4.28 4.10 3.67
N SER A 21 5.23 4.37 4.60
CA SER A 21 6.46 3.59 4.70
C SER A 21 6.09 2.26 5.32
N PHE A 22 6.81 1.20 4.98
CA PHE A 22 6.54 -0.11 5.56
C PHE A 22 7.77 -0.99 5.47
N LYS A 23 7.73 -2.09 6.22
CA LYS A 23 8.81 -3.06 6.26
C LYS A 23 8.37 -4.36 5.60
N LYS A 24 9.33 -5.08 5.01
CA LYS A 24 9.08 -6.43 4.54
C LYS A 24 8.40 -7.21 5.64
N GLY A 25 7.32 -7.89 5.27
CA GLY A 25 6.57 -8.68 6.22
C GLY A 25 5.38 -7.98 6.86
N GLU A 26 5.29 -6.67 6.69
CA GLU A 26 4.21 -5.90 7.26
C GLU A 26 2.90 -6.30 6.60
N ARG A 27 1.88 -6.47 7.42
CA ARG A 27 0.54 -6.80 6.94
C ARG A 27 -0.26 -5.52 6.71
N LEU A 28 -0.82 -5.44 5.51
CA LEU A 28 -1.52 -4.27 5.01
C LEU A 28 -2.92 -4.65 4.57
N GLN A 29 -3.89 -3.92 5.09
CA GLN A 29 -5.27 -4.01 4.67
C GLN A 29 -5.44 -3.04 3.52
N ILE A 30 -5.98 -3.49 2.41
CA ILE A 30 -6.17 -2.60 1.28
C ILE A 30 -7.59 -2.07 1.36
N VAL A 31 -7.76 -0.77 1.39
N VAL A 31 -7.64 -0.76 1.66
CA VAL A 31 -9.10 -0.22 1.34
CA VAL A 31 -8.88 -0.03 1.92
C VAL A 31 -9.65 -0.19 -0.08
C VAL A 31 -9.37 0.72 0.68
N ASN A 32 -8.76 0.04 -1.04
N ASN A 32 -8.51 0.98 -0.30
N ASN A 32 -8.58 1.20 -0.26
CA ASN A 32 -9.14 0.04 -2.44
CA ASN A 32 -9.00 1.45 -1.59
CA ASN A 32 -9.07 1.50 -1.59
C ASN A 32 -7.95 -0.26 -3.33
C ASN A 32 -8.01 1.11 -2.68
C ASN A 32 -8.08 1.02 -2.66
N ASN A 33 -8.16 -1.10 -4.34
N ASN A 33 -8.52 0.43 -3.72
CA ASN A 33 -7.11 -1.35 -5.31
CA ASN A 33 -7.73 0.06 -4.86
C ASN A 33 -7.62 -1.42 -6.75
C ASN A 33 -8.52 0.40 -6.14
N THR A 34 -8.60 -0.57 -7.03
CA THR A 34 -9.26 -0.51 -8.34
C THR A 34 -9.18 0.83 -9.06
N GLU A 35 -8.29 1.72 -8.64
CA GLU A 35 -8.20 3.03 -9.28
C GLU A 35 -6.86 3.36 -9.97
N GLY A 36 -5.87 2.50 -9.85
CA GLY A 36 -4.54 2.79 -10.36
C GLY A 36 -3.59 1.86 -9.67
N ASP A 37 -2.30 2.00 -9.95
CA ASP A 37 -1.33 1.04 -9.46
C ASP A 37 -0.86 1.27 -8.01
N TRP A 38 -1.12 2.45 -7.46
CA TRP A 38 -0.92 2.71 -6.05
C TRP A 38 -2.25 2.50 -5.35
N TRP A 39 -2.22 1.73 -4.27
CA TRP A 39 -3.40 1.30 -3.55
C TRP A 39 -3.45 1.99 -2.19
N LEU A 40 -4.67 2.15 -1.74
N LEU A 40 -4.60 2.51 -1.74
CA LEU A 40 -4.99 2.83 -0.52
CA LEU A 40 -4.62 3.07 -0.37
C LEU A 40 -4.93 1.80 0.63
C LEU A 40 -4.83 1.91 0.57
N ALA A 41 -3.96 1.91 1.56
CA ALA A 41 -3.75 0.84 2.53
C ALA A 41 -3.80 1.34 3.96
N HIS A 42 -3.98 0.37 4.85
CA HIS A 42 -3.98 0.54 6.29
C HIS A 42 -3.01 -0.47 6.89
N SER A 43 -1.98 0.01 7.57
CA SER A 43 -1.04 -0.89 8.22
C SER A 43 -1.66 -1.54 9.45
N LEU A 44 -1.59 -2.85 9.51
CA LEU A 44 -2.08 -3.59 10.67
C LEU A 44 -1.01 -3.72 11.75
N THR A 45 0.11 -3.04 11.57
CA THR A 45 1.08 -2.91 12.65
C THR A 45 1.23 -1.46 13.19
N THR A 46 1.10 -0.41 12.36
CA THR A 46 1.20 0.96 12.87
C THR A 46 -0.16 1.65 13.00
N GLY A 47 -1.15 1.14 12.29
CA GLY A 47 -2.45 1.77 12.20
C GLY A 47 -2.57 2.92 11.21
N ARG A 48 -1.47 3.34 10.62
CA ARG A 48 -1.52 4.44 9.67
C ARG A 48 -2.14 4.00 8.36
N THR A 49 -2.66 5.00 7.66
CA THR A 49 -3.12 4.82 6.30
C THR A 49 -2.23 5.61 5.33
N GLY A 50 -2.26 5.15 4.09
CA GLY A 50 -1.60 5.86 3.01
C GLY A 50 -1.53 4.97 1.81
N TYR A 51 -1.10 5.55 0.70
CA TYR A 51 -0.91 4.81 -0.52
C TYR A 51 0.37 3.96 -0.47
N ILE A 52 0.30 2.82 -1.15
N ILE A 52 0.31 2.83 -1.17
CA ILE A 52 1.43 1.94 -1.31
CA ILE A 52 1.43 1.90 -1.30
C ILE A 52 1.57 1.57 -2.77
C ILE A 52 1.57 1.46 -2.76
N PRO A 53 2.80 1.24 -3.19
CA PRO A 53 3.01 0.78 -4.57
C PRO A 53 2.67 -0.70 -4.63
N SER A 54 1.71 -1.06 -5.49
CA SER A 54 1.16 -2.41 -5.46
C SER A 54 2.17 -3.51 -5.83
N ASN A 55 3.23 -3.16 -6.55
CA ASN A 55 4.26 -4.14 -6.87
C ASN A 55 5.05 -4.61 -5.65
N TYR A 56 4.95 -3.88 -4.54
CA TYR A 56 5.67 -4.23 -3.32
C TYR A 56 4.92 -5.19 -2.41
N VAL A 57 3.72 -5.63 -2.80
CA VAL A 57 2.91 -6.49 -1.93
C VAL A 57 2.37 -7.70 -2.68
N ALA A 58 2.01 -8.71 -1.90
CA ALA A 58 1.31 -9.88 -2.41
C ALA A 58 0.24 -10.29 -1.41
N PRO A 59 -0.83 -10.98 -1.86
CA PRO A 59 -1.85 -11.45 -0.92
C PRO A 59 -1.27 -12.38 0.12
N SER A 60 -1.77 -12.35 1.36
CA SER A 60 -1.22 -13.23 2.40
C SER A 60 -2.15 -14.34 2.92
N ASP A 61 -3.45 -14.16 2.77
CA ASP A 61 -4.40 -15.06 3.39
C ASP A 61 -5.63 -15.23 2.54
C ACE B 1 -8.35 15.54 -6.77
O ACE B 1 -8.75 16.33 -5.90
CH3 ACE B 1 -9.23 14.50 -7.38
N VAL B 2 -7.20 15.42 -7.45
CA VAL B 2 -6.70 14.55 -8.50
C VAL B 2 -6.19 13.23 -7.90
N SER B 3 -6.35 12.16 -8.67
CA SER B 3 -6.05 10.83 -8.16
C SER B 3 -4.63 10.68 -7.66
N LEU B 4 -4.50 10.11 -6.48
CA LEU B 4 -3.22 9.69 -5.91
C LEU B 4 -2.85 8.25 -6.32
N ALA B 5 -3.81 7.49 -6.84
CA ALA B 5 -3.59 6.11 -7.25
C ALA B 5 -2.85 6.01 -8.57
N ARG B 6 -3.07 7.00 -9.45
CA ARG B 6 -2.60 6.97 -10.82
C ARG B 6 -1.24 7.65 -10.87
N ARG B 7 -0.23 6.92 -10.41
CA ARG B 7 1.18 7.27 -10.50
C ARG B 7 1.93 6.03 -11.01
N PRO B 8 3.07 6.21 -11.68
CA PRO B 8 3.85 5.05 -12.09
C PRO B 8 4.42 4.33 -10.87
N LEU B 9 4.62 3.03 -11.01
CA LEU B 9 5.21 2.27 -9.91
C LEU B 9 6.70 2.51 -9.84
N PRO B 10 7.24 2.46 -8.64
CA PRO B 10 8.68 2.57 -8.45
C PRO B 10 9.36 1.23 -8.72
N PRO B 11 10.64 1.25 -9.01
CA PRO B 11 11.38 -0.01 -9.11
C PRO B 11 11.33 -0.77 -7.81
N LEU B 12 11.32 -2.09 -7.91
CA LEU B 12 11.63 -2.94 -6.78
C LEU B 12 13.10 -2.72 -6.41
N PRO B 13 13.46 -2.97 -5.16
CA PRO B 13 14.81 -2.59 -4.73
C PRO B 13 15.84 -3.69 -4.99
C ACE C . -5.99 2.82 -5.57
O ACE C . -6.12 1.93 -6.43
CH3 ACE C . -6.92 2.98 -4.42
S SO4 D . -8.08 12.02 -12.18
O1 SO4 D . -6.70 11.92 -12.64
O2 SO4 D . -8.77 13.00 -12.97
O3 SO4 D . -8.71 10.72 -12.39
O4 SO4 D . -8.18 12.37 -10.79
#